data_4GK0
#
_entry.id   4GK0
#
_cell.length_a   121.089
_cell.length_b   71.887
_cell.length_c   106.305
_cell.angle_alpha   90.00
_cell.angle_beta   90.00
_cell.angle_gamma   90.00
#
_symmetry.space_group_name_H-M   'P 21 21 2'
#
loop_
_entity.id
_entity.type
_entity.pdbx_description
1 polymer 'Mitotic spindle assembly checkpoint protein MAD2B'
2 polymer 'DNA polymerase zeta catalytic subunit'
3 polymer 'DNA repair protein REV1'
#
loop_
_entity_poly.entity_id
_entity_poly.type
_entity_poly.pdbx_seq_one_letter_code
_entity_poly.pdbx_strand_id
1 'polypeptide(L)'
;MGSSHHHHHHSQDPNSMTTLTRQDLNFGQVVADVLCEFLEVAVHLILYVREVYPVGIFQKRKKYNVPVQMSCHPELNQYI
QDTLHCVKPLLEKNDVEKVVVVILDKEHRPVEKFVFEITQPPLLSISSDSLLSHVEQLLAAFILKISVCDAVLDHNPPGC
TFTVLVHTREAATRNMEKIQVIKDFPWILADEQDVHMHDPRLIPLKTMTSDILKMQLYVEERAHKGSGSGSGSGSGSH
;
A,B
2 'polypeptide(L)' MLTPTPDSSPRSTSSPSQSKNGSFTPRTANILKPLMSPPSREEIMATLLDHD C,D
3 'polypeptide(L)'
;MLKHEGPPAEKPLEELSASTSGVPGLSSLQSDPAGCVRPPAPNLAGAVEFNDVKTLLREWITTISDPMEEDILQVVKYCT
DLIEEKDLEKLDLVIKYMKRLMQQSVESVWNMAFDFILDNVQVVLQQTYGSTLKVT
;
E,F
#
# COMPACT_ATOMS: atom_id res chain seq x y z
N LEU A 25 10.44 -3.19 5.13
CA LEU A 25 9.14 -2.81 4.51
C LEU A 25 8.44 -4.03 3.90
N ASN A 26 7.13 -4.09 4.08
CA ASN A 26 6.24 -5.03 3.42
C ASN A 26 4.96 -4.36 3.00
N PHE A 27 4.44 -4.70 1.82
CA PHE A 27 3.04 -4.45 1.49
C PHE A 27 2.11 -5.32 2.33
N GLY A 28 0.83 -5.29 2.00
CA GLY A 28 -0.14 -6.20 2.59
C GLY A 28 -0.79 -7.10 1.56
N GLN A 29 -1.66 -7.99 2.03
CA GLN A 29 -2.57 -8.70 1.17
C GLN A 29 -3.35 -7.83 0.19
N VAL A 30 -3.93 -6.73 0.67
CA VAL A 30 -4.85 -5.97 -0.16
C VAL A 30 -4.11 -5.15 -1.19
N VAL A 31 -2.98 -4.58 -0.78
CA VAL A 31 -2.15 -3.86 -1.70
C VAL A 31 -1.72 -4.81 -2.79
N ALA A 32 -1.42 -6.04 -2.41
CA ALA A 32 -0.99 -7.03 -3.36
C ALA A 32 -2.16 -7.42 -4.25
N ASP A 33 -3.36 -7.48 -3.68
CA ASP A 33 -4.54 -7.72 -4.47
C ASP A 33 -4.75 -6.60 -5.48
N VAL A 34 -4.61 -5.38 -5.01
CA VAL A 34 -4.76 -4.21 -5.88
C VAL A 34 -3.79 -4.31 -7.06
N LEU A 35 -2.50 -4.47 -6.75
CA LEU A 35 -1.49 -4.65 -7.79
C LEU A 35 -1.72 -5.76 -8.78
N CYS A 36 -2.32 -6.86 -8.36
CA CYS A 36 -2.54 -8.00 -9.28
C CYS A 36 -3.72 -7.75 -10.19
N GLU A 37 -4.75 -7.13 -9.66
CA GLU A 37 -5.87 -6.71 -10.47
C GLU A 37 -5.34 -5.71 -11.49
N PHE A 38 -4.51 -4.79 -11.03
CA PHE A 38 -4.00 -3.78 -11.90
C PHE A 38 -3.22 -4.44 -13.01
N LEU A 39 -2.34 -5.38 -12.66
CA LEU A 39 -1.50 -6.00 -13.66
C LEU A 39 -2.29 -6.88 -14.62
N GLU A 40 -3.42 -7.43 -14.19
CA GLU A 40 -4.18 -8.29 -15.11
C GLU A 40 -4.75 -7.44 -16.28
N VAL A 41 -5.45 -6.40 -15.89
CA VAL A 41 -5.99 -5.43 -16.82
C VAL A 41 -4.91 -4.96 -17.79
N ALA A 42 -3.75 -4.62 -17.23
CA ALA A 42 -2.65 -4.03 -17.96
C ALA A 42 -2.14 -5.00 -18.98
N VAL A 43 -1.98 -6.25 -18.59
CA VAL A 43 -1.36 -7.22 -19.48
C VAL A 43 -2.29 -7.38 -20.66
N HIS A 44 -3.60 -7.36 -20.39
CA HIS A 44 -4.61 -7.56 -21.44
C HIS A 44 -4.50 -6.43 -22.44
N LEU A 45 -4.46 -5.22 -21.91
CA LEU A 45 -4.36 -4.04 -22.69
C LEU A 45 -3.15 -4.05 -23.58
N ILE A 46 -2.01 -4.43 -23.01
CA ILE A 46 -0.78 -4.54 -23.79
C ILE A 46 -0.93 -5.51 -24.98
N LEU A 47 -1.41 -6.72 -24.71
CA LEU A 47 -1.61 -7.74 -25.74
C LEU A 47 -2.57 -7.24 -26.83
N TYR A 48 -3.42 -6.30 -26.44
CA TYR A 48 -4.35 -5.70 -27.37
C TYR A 48 -3.66 -4.60 -28.19
N VAL A 49 -3.14 -3.58 -27.53
CA VAL A 49 -2.59 -2.46 -28.29
C VAL A 49 -1.40 -2.85 -29.12
N ARG A 50 -0.74 -3.96 -28.80
CA ARG A 50 0.45 -4.35 -29.55
C ARG A 50 0.16 -5.49 -30.48
N GLU A 51 -1.14 -5.74 -30.69
CA GLU A 51 -1.64 -6.80 -31.56
C GLU A 51 -0.91 -8.12 -31.37
N VAL A 52 -0.69 -8.50 -30.12
CA VAL A 52 -0.08 -9.79 -29.88
C VAL A 52 -1.18 -10.81 -30.19
N TYR A 53 -2.41 -10.45 -29.88
CA TYR A 53 -3.54 -11.28 -30.27
C TYR A 53 -4.52 -10.41 -31.06
N PRO A 54 -5.31 -11.01 -31.96
CA PRO A 54 -6.17 -10.17 -32.81
C PRO A 54 -7.41 -9.62 -32.08
N VAL A 55 -7.85 -8.46 -32.50
CA VAL A 55 -8.82 -7.64 -31.76
C VAL A 55 -10.11 -8.37 -31.53
N GLY A 56 -10.34 -9.37 -32.37
CA GLY A 56 -11.55 -10.19 -32.32
C GLY A 56 -11.77 -11.00 -31.07
N ILE A 57 -10.72 -11.17 -30.26
CA ILE A 57 -10.88 -11.84 -28.96
C ILE A 57 -11.13 -10.90 -27.77
N PHE A 58 -11.14 -9.60 -28.01
CA PHE A 58 -11.27 -8.62 -26.94
C PHE A 58 -12.66 -8.02 -26.87
N GLN A 59 -12.98 -7.45 -25.73
CA GLN A 59 -14.26 -6.82 -25.51
C GLN A 59 -13.98 -5.62 -24.65
N LYS A 60 -14.63 -4.51 -24.98
CA LYS A 60 -14.51 -3.28 -24.22
C LYS A 60 -15.03 -3.51 -22.80
N ARG A 61 -14.27 -3.06 -21.81
CA ARG A 61 -14.74 -3.09 -20.45
C ARG A 61 -14.39 -1.78 -19.78
N LYS A 62 -14.58 -1.66 -18.48
CA LYS A 62 -14.23 -0.42 -17.81
C LYS A 62 -13.59 -0.70 -16.47
N LYS A 63 -12.29 -0.41 -16.34
CA LYS A 63 -11.60 -0.52 -15.05
C LYS A 63 -11.05 0.83 -14.67
N TYR A 64 -11.11 1.18 -13.39
CA TYR A 64 -10.63 2.48 -12.91
C TYR A 64 -11.29 3.64 -13.67
N ASN A 65 -12.60 3.55 -13.85
CA ASN A 65 -13.39 4.53 -14.59
C ASN A 65 -12.84 4.81 -15.97
N VAL A 66 -12.15 3.86 -16.59
CA VAL A 66 -11.64 4.11 -17.93
C VAL A 66 -11.73 2.88 -18.82
N PRO A 67 -11.73 3.10 -20.14
CA PRO A 67 -11.95 2.11 -21.17
C PRO A 67 -10.76 1.23 -21.39
N VAL A 68 -10.97 -0.07 -21.30
CA VAL A 68 -9.93 -1.03 -21.58
C VAL A 68 -10.47 -2.16 -22.43
N GLN A 69 -9.57 -3.00 -22.92
CA GLN A 69 -9.93 -4.15 -23.72
C GLN A 69 -9.48 -5.43 -23.06
N MET A 70 -10.43 -6.29 -22.64
CA MET A 70 -10.13 -7.56 -21.98
C MET A 70 -10.42 -8.72 -22.91
N SER A 71 -9.48 -9.64 -23.00
CA SER A 71 -9.66 -10.86 -23.77
C SER A 71 -10.82 -11.70 -23.22
N CYS A 72 -11.49 -12.37 -24.14
CA CYS A 72 -12.63 -13.26 -23.89
C CYS A 72 -12.24 -14.72 -23.94
N HIS A 73 -11.02 -14.99 -24.33
CA HIS A 73 -10.62 -16.32 -24.61
C HIS A 73 -10.21 -17.01 -23.30
N PRO A 74 -10.95 -18.06 -22.90
CA PRO A 74 -10.80 -18.69 -21.59
C PRO A 74 -9.42 -19.27 -21.26
N GLU A 75 -8.74 -19.88 -22.22
CA GLU A 75 -7.40 -20.43 -22.01
C GLU A 75 -6.41 -19.27 -21.71
N LEU A 76 -6.30 -18.31 -22.63
CA LEU A 76 -5.53 -17.10 -22.41
C LEU A 76 -5.88 -16.43 -21.10
N ASN A 77 -7.15 -16.26 -20.81
CA ASN A 77 -7.50 -15.59 -19.55
C ASN A 77 -6.96 -16.35 -18.34
N GLN A 78 -6.95 -17.67 -18.42
CA GLN A 78 -6.60 -18.50 -17.30
C GLN A 78 -5.07 -18.42 -17.13
N TYR A 79 -4.35 -18.38 -18.25
CA TYR A 79 -2.92 -18.19 -18.20
C TYR A 79 -2.49 -16.92 -17.44
N ILE A 80 -3.07 -15.81 -17.84
CA ILE A 80 -2.83 -14.53 -17.19
C ILE A 80 -3.30 -14.57 -15.75
N GLN A 81 -4.44 -15.18 -15.50
CA GLN A 81 -4.95 -15.32 -14.11
C GLN A 81 -3.98 -16.18 -13.24
N ASP A 82 -3.59 -17.34 -13.74
CA ASP A 82 -2.62 -18.21 -13.09
C ASP A 82 -1.31 -17.50 -12.76
N THR A 83 -0.77 -16.82 -13.76
CA THR A 83 0.50 -16.11 -13.61
C THR A 83 0.44 -15.16 -12.42
N LEU A 84 -0.57 -14.31 -12.38
CA LEU A 84 -0.65 -13.30 -11.36
C LEU A 84 -1.00 -13.84 -9.99
N HIS A 85 -1.84 -14.84 -9.95
CA HIS A 85 -2.18 -15.55 -8.72
C HIS A 85 -0.90 -16.02 -8.04
N CYS A 86 0.08 -16.47 -8.81
CA CYS A 86 1.36 -16.92 -8.26
C CYS A 86 2.29 -15.82 -7.80
N VAL A 87 2.19 -14.64 -8.40
CA VAL A 87 3.07 -13.51 -8.07
C VAL A 87 2.58 -12.91 -6.78
N LYS A 88 1.28 -13.03 -6.55
CA LYS A 88 0.63 -12.32 -5.47
C LYS A 88 1.37 -12.45 -4.15
N PRO A 89 1.63 -13.69 -3.72
CA PRO A 89 2.22 -13.77 -2.38
C PRO A 89 3.62 -13.15 -2.30
N LEU A 90 4.35 -13.02 -3.41
CA LEU A 90 5.65 -12.34 -3.34
C LEU A 90 5.49 -10.82 -3.30
N LEU A 91 4.38 -10.33 -3.84
CA LEU A 91 4.11 -8.90 -3.72
C LEU A 91 3.77 -8.57 -2.28
N GLU A 92 3.06 -9.51 -1.68
CA GLU A 92 2.60 -9.38 -0.33
C GLU A 92 3.74 -8.98 0.59
N LYS A 93 4.87 -9.65 0.43
CA LYS A 93 6.03 -9.39 1.25
C LYS A 93 6.99 -8.50 0.51
N ASN A 94 6.48 -7.68 -0.40
CA ASN A 94 7.30 -6.80 -1.17
C ASN A 94 8.62 -7.42 -1.66
N ASP A 95 8.57 -8.59 -2.27
CA ASP A 95 9.79 -9.26 -2.72
C ASP A 95 10.03 -9.14 -4.20
N VAL A 96 9.22 -8.32 -4.88
CA VAL A 96 9.35 -8.18 -6.33
C VAL A 96 9.81 -6.81 -6.74
N GLU A 97 10.96 -6.76 -7.36
CA GLU A 97 11.42 -5.52 -7.95
C GLU A 97 10.68 -5.18 -9.26
N LYS A 98 10.54 -6.14 -10.16
CA LYS A 98 9.95 -5.89 -11.47
C LYS A 98 9.03 -7.04 -11.86
N VAL A 99 7.89 -6.69 -12.42
CA VAL A 99 7.17 -7.62 -13.25
C VAL A 99 7.35 -7.13 -14.69
N VAL A 100 7.73 -8.01 -15.60
CA VAL A 100 8.02 -7.63 -16.98
C VAL A 100 7.20 -8.45 -17.98
N VAL A 101 6.41 -7.75 -18.80
CA VAL A 101 5.73 -8.39 -19.92
C VAL A 101 6.67 -8.28 -21.11
N VAL A 102 7.19 -9.42 -21.52
CA VAL A 102 8.14 -9.49 -22.61
C VAL A 102 7.42 -9.94 -23.88
N ILE A 103 7.64 -9.19 -24.95
CA ILE A 103 7.12 -9.59 -26.24
C ILE A 103 8.30 -10.17 -27.05
N LEU A 104 8.12 -11.39 -27.53
CA LEU A 104 9.11 -12.15 -28.32
C LEU A 104 8.66 -12.21 -29.77
N ASP A 105 9.61 -12.04 -30.69
CA ASP A 105 9.37 -12.06 -32.14
C ASP A 105 9.35 -13.50 -32.62
N LYS A 106 9.13 -13.68 -33.92
CA LYS A 106 8.87 -15.01 -34.50
C LYS A 106 9.98 -16.01 -34.21
N GLU A 107 11.23 -15.57 -34.19
CA GLU A 107 12.42 -16.38 -33.86
C GLU A 107 12.76 -16.36 -32.37
N HIS A 108 11.77 -16.04 -31.54
CA HIS A 108 11.91 -15.98 -30.07
C HIS A 108 13.01 -15.04 -29.49
N ARG A 109 13.39 -14.00 -30.24
CA ARG A 109 14.19 -12.89 -29.72
C ARG A 109 13.26 -11.80 -29.16
N PRO A 110 13.57 -11.27 -27.95
CA PRO A 110 12.80 -10.16 -27.42
C PRO A 110 12.82 -8.92 -28.29
N VAL A 111 11.65 -8.43 -28.63
CA VAL A 111 11.50 -7.19 -29.41
C VAL A 111 11.17 -5.99 -28.53
N GLU A 112 10.44 -6.22 -27.46
CA GLU A 112 9.86 -5.18 -26.67
C GLU A 112 9.61 -5.69 -25.24
N LYS A 113 9.66 -4.80 -24.25
CA LYS A 113 9.42 -5.14 -22.84
C LYS A 113 8.60 -4.09 -22.15
N PHE A 114 7.50 -4.49 -21.52
CA PHE A 114 6.84 -3.59 -20.58
C PHE A 114 7.25 -3.85 -19.12
N VAL A 115 7.98 -2.91 -18.50
CA VAL A 115 8.48 -3.12 -17.15
C VAL A 115 7.66 -2.37 -16.09
N PHE A 116 7.14 -3.09 -15.11
CA PHE A 116 6.55 -2.43 -13.94
C PHE A 116 7.54 -2.57 -12.82
N GLU A 117 8.29 -1.52 -12.59
CA GLU A 117 9.28 -1.45 -11.53
C GLU A 117 8.57 -0.96 -10.29
N ILE A 118 8.68 -1.72 -9.21
CA ILE A 118 7.95 -1.45 -7.98
C ILE A 118 8.89 -1.16 -6.83
N THR A 119 8.81 0.04 -6.28
CA THR A 119 9.61 0.47 -5.16
C THR A 119 8.74 0.73 -3.93
N GLN A 120 9.40 0.71 -2.78
CA GLN A 120 8.81 1.20 -1.54
C GLN A 120 9.43 2.55 -1.24
N PRO A 121 8.58 3.59 -1.11
CA PRO A 121 9.04 4.93 -0.76
C PRO A 121 9.28 5.02 0.74
N PRO A 122 10.31 5.78 1.19
CA PRO A 122 10.43 6.00 2.65
C PRO A 122 9.44 7.04 3.22
N ILE A 126 6.24 12.18 5.48
CA ILE A 126 5.15 11.59 4.73
C ILE A 126 4.13 12.70 4.41
N SER A 127 3.95 12.98 3.12
CA SER A 127 3.01 13.99 2.65
C SER A 127 2.36 13.56 1.32
N SER A 128 2.60 12.29 0.93
CA SER A 128 2.07 11.73 -0.33
C SER A 128 0.57 11.40 -0.29
N ASP A 129 0.06 11.05 -1.47
CA ASP A 129 -1.32 10.62 -1.65
C ASP A 129 -1.48 9.24 -1.07
N SER A 130 -2.70 8.95 -0.59
CA SER A 130 -3.03 7.62 -0.10
C SER A 130 -3.28 6.74 -1.31
N LEU A 131 -2.60 5.61 -1.36
CA LEU A 131 -2.76 4.67 -2.47
C LEU A 131 -4.19 4.19 -2.54
N LEU A 132 -4.76 3.84 -1.38
CA LEU A 132 -6.05 3.14 -1.37
C LEU A 132 -7.26 4.04 -1.59
N SER A 133 -7.16 5.27 -1.11
CA SER A 133 -8.17 6.29 -1.33
C SER A 133 -8.20 6.69 -2.79
N HIS A 134 -7.06 6.62 -3.46
CA HIS A 134 -6.92 7.24 -4.77
C HIS A 134 -6.63 6.24 -5.89
N VAL A 135 -6.86 4.96 -5.60
CA VAL A 135 -6.55 3.85 -6.49
C VAL A 135 -6.85 4.16 -7.94
N GLU A 136 -8.08 4.55 -8.21
CA GLU A 136 -8.53 4.68 -9.60
C GLU A 136 -7.81 5.84 -10.33
N GLN A 137 -7.72 7.00 -9.69
CA GLN A 137 -6.99 8.09 -10.32
C GLN A 137 -5.56 7.60 -10.57
N LEU A 138 -4.91 7.12 -9.53
CA LEU A 138 -3.53 6.70 -9.62
C LEU A 138 -3.21 5.60 -10.65
N LEU A 139 -4.04 4.59 -10.80
CA LEU A 139 -3.71 3.51 -11.73
C LEU A 139 -4.24 3.78 -13.11
N ALA A 140 -5.34 4.51 -13.19
CA ALA A 140 -5.94 4.84 -14.45
C ALA A 140 -4.95 5.57 -15.33
N ALA A 141 -4.05 6.33 -14.73
CA ALA A 141 -3.03 7.04 -15.50
C ALA A 141 -2.13 6.10 -16.28
N PHE A 142 -1.88 4.91 -15.75
CA PHE A 142 -1.03 3.94 -16.39
C PHE A 142 -1.77 3.39 -17.54
N ILE A 143 -3.06 3.16 -17.32
CA ILE A 143 -3.90 2.51 -18.32
C ILE A 143 -4.05 3.43 -19.52
N LEU A 144 -4.35 4.70 -19.26
CA LEU A 144 -4.42 5.68 -20.34
C LEU A 144 -3.17 5.71 -21.18
N LYS A 145 -2.01 5.76 -20.54
CA LYS A 145 -0.75 5.70 -21.27
C LYS A 145 -0.61 4.41 -22.07
N ILE A 146 -0.96 3.25 -21.52
CA ILE A 146 -0.83 2.04 -22.33
C ILE A 146 -1.70 2.13 -23.61
N SER A 147 -2.84 2.80 -23.51
CA SER A 147 -3.82 2.89 -24.60
C SER A 147 -3.25 3.59 -25.79
N VAL A 148 -2.48 4.64 -25.54
CA VAL A 148 -1.90 5.46 -26.63
C VAL A 148 -0.43 5.15 -26.91
N CYS A 149 0.07 4.03 -26.43
CA CYS A 149 1.53 3.89 -26.42
C CYS A 149 2.12 3.57 -27.77
N ASP A 150 1.29 3.03 -28.66
CA ASP A 150 1.72 2.75 -30.04
C ASP A 150 2.08 4.04 -30.78
N ALA A 151 1.54 5.18 -30.33
CA ALA A 151 2.00 6.48 -30.86
C ALA A 151 3.50 6.76 -30.70
N VAL A 152 4.19 6.07 -29.80
CA VAL A 152 5.62 6.32 -29.48
C VAL A 152 6.48 5.09 -29.64
N LEU A 153 5.88 3.94 -29.91
CA LEU A 153 6.64 2.72 -30.14
C LEU A 153 6.65 2.47 -31.62
N ASP A 154 7.66 1.76 -32.09
CA ASP A 154 7.70 1.29 -33.46
C ASP A 154 6.81 0.06 -33.55
N HIS A 155 6.25 -0.19 -34.72
CA HIS A 155 5.40 -1.37 -34.89
C HIS A 155 6.23 -2.64 -34.70
N ASN A 156 5.62 -3.61 -34.05
CA ASN A 156 6.25 -4.91 -33.85
C ASN A 156 6.05 -5.70 -35.10
N PRO A 157 6.93 -6.69 -35.37
CA PRO A 157 6.75 -7.54 -36.54
C PRO A 157 5.60 -8.51 -36.33
N PRO A 158 5.17 -9.21 -37.39
CA PRO A 158 4.15 -10.25 -37.21
C PRO A 158 4.72 -11.50 -36.52
N GLY A 159 3.88 -12.18 -35.75
CA GLY A 159 4.25 -13.43 -35.14
C GLY A 159 4.67 -13.30 -33.69
N CYS A 160 4.77 -12.08 -33.19
CA CYS A 160 5.17 -11.91 -31.80
C CYS A 160 4.35 -12.73 -30.82
N THR A 161 5.02 -13.42 -29.88
CA THR A 161 4.31 -13.96 -28.73
C THR A 161 4.66 -13.17 -27.47
N PHE A 162 4.18 -13.59 -26.31
CA PHE A 162 4.58 -12.96 -25.07
C PHE A 162 4.95 -13.97 -24.00
N THR A 163 5.63 -13.44 -22.99
CA THR A 163 6.01 -14.14 -21.78
C THR A 163 5.97 -13.06 -20.70
N VAL A 164 5.76 -13.44 -19.44
CA VAL A 164 5.92 -12.57 -18.26
C VAL A 164 7.12 -13.02 -17.44
N LEU A 165 7.88 -12.06 -16.92
CA LEU A 165 9.05 -12.35 -16.09
C LEU A 165 8.97 -11.60 -14.78
N VAL A 166 9.33 -12.25 -13.67
CA VAL A 166 9.37 -11.62 -12.35
C VAL A 166 10.83 -11.46 -11.92
N HIS A 167 11.26 -10.24 -11.66
CA HIS A 167 12.57 -9.95 -11.09
C HIS A 167 12.48 -9.80 -9.56
N THR A 168 12.96 -10.77 -8.82
CA THR A 168 12.96 -10.67 -7.34
C THR A 168 13.99 -9.67 -6.79
N ARG A 169 13.69 -9.04 -5.66
CA ARG A 169 14.65 -8.18 -4.98
C ARG A 169 15.85 -9.01 -4.62
N GLU A 170 15.62 -10.19 -4.02
CA GLU A 170 16.69 -11.12 -3.56
C GLU A 170 16.71 -12.41 -4.38
N ALA A 171 17.83 -13.09 -4.43
CA ALA A 171 17.85 -14.47 -4.92
C ALA A 171 17.65 -15.41 -3.71
N ALA A 172 16.40 -15.75 -3.45
CA ALA A 172 15.99 -16.34 -2.22
C ALA A 172 15.10 -17.52 -2.52
N THR A 173 15.42 -18.59 -1.84
CA THR A 173 14.63 -19.78 -1.83
C THR A 173 13.12 -19.53 -1.72
N ARG A 174 12.73 -18.62 -0.85
CA ARG A 174 11.33 -18.47 -0.46
C ARG A 174 10.46 -17.94 -1.58
N ASN A 175 11.09 -17.23 -2.53
CA ASN A 175 10.38 -16.71 -3.69
C ASN A 175 9.83 -17.91 -4.47
N MET A 176 10.67 -18.92 -4.69
CA MET A 176 10.21 -20.17 -5.32
C MET A 176 9.20 -20.96 -4.54
N GLU A 177 9.40 -21.17 -3.25
CA GLU A 177 8.33 -21.77 -2.44
C GLU A 177 7.02 -21.00 -2.67
N LYS A 178 7.05 -19.69 -2.45
CA LYS A 178 5.84 -18.89 -2.55
C LYS A 178 5.19 -18.86 -3.94
N ILE A 179 6.01 -18.90 -5.00
CA ILE A 179 5.49 -18.84 -6.35
C ILE A 179 4.89 -20.15 -6.83
N GLN A 180 5.30 -21.23 -6.20
CA GLN A 180 5.12 -22.55 -6.74
C GLN A 180 3.83 -23.14 -6.20
N VAL A 181 2.75 -22.38 -6.33
CA VAL A 181 1.47 -22.71 -5.69
C VAL A 181 0.41 -23.40 -6.50
N ILE A 182 0.57 -23.51 -7.81
CA ILE A 182 -0.35 -24.23 -8.66
C ILE A 182 0.45 -25.33 -9.34
N LYS A 183 0.20 -26.58 -8.97
CA LYS A 183 0.89 -27.74 -9.57
C LYS A 183 0.88 -27.65 -11.08
N ASP A 184 -0.31 -27.49 -11.64
CA ASP A 184 -0.51 -27.31 -13.09
C ASP A 184 0.28 -26.15 -13.69
N PHE A 185 0.68 -25.18 -12.87
CA PHE A 185 1.32 -23.98 -13.37
C PHE A 185 2.66 -23.64 -12.68
N PRO A 186 3.71 -24.41 -12.92
CA PRO A 186 5.04 -24.20 -12.40
C PRO A 186 5.90 -23.12 -13.03
N TRP A 187 6.97 -22.77 -12.33
CA TRP A 187 7.83 -21.65 -12.63
C TRP A 187 9.26 -22.17 -12.68
N ILE A 188 10.09 -21.53 -13.48
CA ILE A 188 11.48 -21.86 -13.50
C ILE A 188 12.25 -20.59 -13.40
N LEU A 189 13.55 -20.71 -13.15
CA LEU A 189 14.46 -19.58 -13.30
C LEU A 189 14.71 -19.35 -14.77
N ALA A 190 14.77 -18.09 -15.15
CA ALA A 190 15.00 -17.68 -16.50
C ALA A 190 16.49 -17.66 -16.79
N ASP A 191 16.83 -17.65 -18.07
CA ASP A 191 18.22 -17.43 -18.47
C ASP A 191 18.38 -16.08 -19.16
N GLU A 192 19.57 -15.91 -19.74
CA GLU A 192 19.99 -14.79 -20.54
C GLU A 192 19.19 -14.69 -21.87
N GLN A 193 18.97 -15.84 -22.50
CA GLN A 193 18.16 -15.94 -23.72
C GLN A 193 16.81 -15.24 -23.56
N ASP A 194 16.15 -15.46 -22.41
CA ASP A 194 14.81 -14.94 -22.12
C ASP A 194 14.83 -13.42 -21.88
N VAL A 195 16.01 -12.84 -21.78
CA VAL A 195 16.11 -11.51 -21.23
C VAL A 195 16.77 -10.53 -22.19
N HIS A 196 17.86 -10.95 -22.83
CA HIS A 196 18.79 -10.01 -23.43
C HIS A 196 18.18 -9.41 -24.66
N MET A 197 18.20 -8.08 -24.75
CA MET A 197 17.68 -7.37 -25.90
C MET A 197 18.82 -6.54 -26.47
N HIS A 198 18.90 -6.53 -27.78
CA HIS A 198 20.03 -5.89 -28.40
C HIS A 198 19.69 -4.44 -28.68
N ASP A 199 20.56 -3.55 -28.20
CA ASP A 199 20.44 -2.14 -28.51
C ASP A 199 19.11 -1.57 -28.06
N PRO A 200 18.85 -1.55 -26.74
CA PRO A 200 17.49 -1.19 -26.39
C PRO A 200 17.35 0.31 -26.32
N ARG A 201 16.13 0.78 -26.60
CA ARG A 201 15.75 2.15 -26.39
C ARG A 201 14.67 2.22 -25.32
N LEU A 202 14.65 3.30 -24.55
CA LEU A 202 13.78 3.39 -23.41
C LEU A 202 12.71 4.45 -23.63
N ILE A 203 11.46 4.09 -23.31
CA ILE A 203 10.33 4.99 -23.43
C ILE A 203 9.53 5.00 -22.11
N PRO A 204 9.78 5.98 -21.25
CA PRO A 204 9.02 6.05 -20.02
C PRO A 204 7.55 6.26 -20.31
N LEU A 205 6.67 5.58 -19.57
CA LEU A 205 5.26 5.79 -19.77
C LEU A 205 4.65 6.52 -18.61
N LYS A 206 4.89 6.07 -17.39
CA LYS A 206 4.21 6.66 -16.26
C LYS A 206 4.91 6.33 -14.95
N THR A 207 4.96 7.29 -14.04
CA THR A 207 5.57 7.10 -12.74
C THR A 207 4.62 7.64 -11.71
N MET A 208 4.38 6.89 -10.63
CA MET A 208 3.48 7.31 -9.58
C MET A 208 4.06 7.01 -8.23
N THR A 209 3.96 7.97 -7.32
CA THR A 209 4.27 7.78 -5.88
C THR A 209 3.03 7.86 -4.97
N SER A 210 3.07 7.18 -3.85
CA SER A 210 1.90 7.08 -3.00
C SER A 210 2.29 6.96 -1.55
N ASP A 211 1.25 6.77 -0.73
CA ASP A 211 1.37 6.33 0.65
C ASP A 211 2.57 5.41 0.83
N ILE A 212 2.52 4.31 0.10
CA ILE A 212 3.21 3.09 0.45
C ILE A 212 3.89 2.43 -0.73
N LEU A 213 3.70 3.02 -1.90
CA LEU A 213 4.12 2.39 -3.13
C LEU A 213 4.56 3.41 -4.15
N LYS A 214 5.70 3.13 -4.74
CA LYS A 214 6.17 3.86 -5.89
C LYS A 214 6.23 2.90 -7.07
N MET A 215 5.48 3.18 -8.12
CA MET A 215 5.55 2.32 -9.31
C MET A 215 5.86 3.13 -10.56
N GLN A 216 6.51 2.46 -11.49
CA GLN A 216 7.01 3.11 -12.68
C GLN A 216 6.77 2.11 -13.82
N LEU A 217 6.21 2.57 -14.92
CA LEU A 217 6.00 1.71 -16.09
C LEU A 217 6.77 2.31 -17.24
N TYR A 218 7.65 1.53 -17.84
CA TYR A 218 8.43 1.98 -18.95
C TYR A 218 8.70 0.85 -19.91
N VAL A 219 8.95 1.19 -21.16
CA VAL A 219 9.06 0.19 -22.22
C VAL A 219 10.47 0.24 -22.70
N GLU A 220 11.03 -0.95 -22.93
CA GLU A 220 12.26 -1.10 -23.66
C GLU A 220 11.94 -1.74 -25.01
N GLU A 221 12.25 -1.07 -26.12
CA GLU A 221 12.17 -1.71 -27.43
C GLU A 221 13.50 -1.87 -28.14
N ARG A 222 13.57 -2.84 -29.03
CA ARG A 222 14.73 -3.06 -29.89
C ARG A 222 14.79 -1.99 -30.95
N ALA A 223 16.00 -1.53 -31.22
CA ALA A 223 16.28 -0.37 -32.09
C ALA A 223 15.99 -0.62 -33.58
N HIS A 224 16.02 -1.87 -34.00
CA HIS A 224 15.48 -2.25 -35.29
C HIS A 224 14.60 -3.47 -35.06
N LYS A 225 13.31 -3.35 -35.37
CA LYS A 225 12.40 -4.51 -35.24
C LYS A 225 11.66 -4.92 -36.51
N ASN B 26 -32.44 11.79 19.63
CA ASN B 26 -31.61 10.61 19.21
C ASN B 26 -30.13 10.97 19.09
N PHE B 27 -29.57 11.48 20.18
CA PHE B 27 -28.13 11.79 20.24
C PHE B 27 -27.24 10.54 20.12
N GLY B 28 -27.26 9.69 21.15
CA GLY B 28 -26.48 8.48 21.19
C GLY B 28 -27.06 7.37 20.31
N GLN B 29 -28.27 7.61 19.80
CA GLN B 29 -28.93 6.61 18.93
C GLN B 29 -28.36 6.58 17.53
N VAL B 30 -27.87 7.71 17.04
CA VAL B 30 -27.34 7.77 15.67
C VAL B 30 -25.88 7.29 15.66
N VAL B 31 -25.13 7.76 16.65
CA VAL B 31 -23.82 7.22 16.92
C VAL B 31 -23.90 5.70 16.86
N ALA B 32 -24.78 5.12 17.68
CA ALA B 32 -25.04 3.68 17.66
C ALA B 32 -25.01 3.13 16.25
N ASP B 33 -25.85 3.69 15.39
CA ASP B 33 -26.04 3.15 14.03
C ASP B 33 -24.79 3.32 13.18
N VAL B 34 -24.05 4.37 13.45
CA VAL B 34 -22.82 4.63 12.75
C VAL B 34 -21.79 3.55 13.09
N LEU B 35 -21.52 3.43 14.38
CA LEU B 35 -20.62 2.42 14.90
C LEU B 35 -20.91 1.02 14.41
N CYS B 36 -22.18 0.63 14.45
CA CYS B 36 -22.53 -0.73 14.06
C CYS B 36 -22.33 -1.00 12.58
N GLU B 37 -22.68 -0.04 11.73
CA GLU B 37 -22.41 -0.16 10.27
C GLU B 37 -20.90 -0.31 10.08
N PHE B 38 -20.17 0.59 10.75
CA PHE B 38 -18.73 0.61 10.72
C PHE B 38 -18.13 -0.68 11.20
N LEU B 39 -18.35 -0.99 12.47
CA LEU B 39 -17.75 -2.18 13.08
C LEU B 39 -18.01 -3.44 12.25
N GLU B 40 -19.17 -3.50 11.61
CA GLU B 40 -19.52 -4.61 10.73
C GLU B 40 -18.51 -4.69 9.59
N VAL B 41 -18.25 -3.55 8.97
CA VAL B 41 -17.31 -3.47 7.86
C VAL B 41 -15.92 -3.77 8.36
N ALA B 42 -15.57 -3.16 9.47
CA ALA B 42 -14.33 -3.46 10.16
C ALA B 42 -14.12 -4.96 10.49
N VAL B 43 -15.16 -5.67 10.94
CA VAL B 43 -14.98 -7.05 11.36
C VAL B 43 -14.60 -7.89 10.15
N HIS B 44 -15.45 -7.75 9.13
CA HIS B 44 -15.28 -8.40 7.84
C HIS B 44 -13.85 -8.25 7.34
N LEU B 45 -13.39 -6.99 7.31
CA LEU B 45 -12.05 -6.68 6.89
C LEU B 45 -10.99 -7.40 7.71
N ILE B 46 -11.06 -7.23 9.02
CA ILE B 46 -10.12 -7.88 9.93
C ILE B 46 -10.02 -9.36 9.61
N LEU B 47 -11.15 -10.01 9.34
CA LEU B 47 -11.18 -11.45 9.04
C LEU B 47 -10.40 -11.73 7.75
N TYR B 48 -10.46 -10.77 6.84
CA TYR B 48 -9.71 -10.87 5.62
C TYR B 48 -8.21 -10.73 5.86
N VAL B 49 -7.77 -9.67 6.52
CA VAL B 49 -6.34 -9.43 6.52
C VAL B 49 -5.64 -10.31 7.55
N ARG B 50 -6.38 -10.91 8.47
CA ARG B 50 -5.76 -11.79 9.43
C ARG B 50 -5.91 -13.24 8.98
N GLU B 51 -6.63 -13.45 7.88
CA GLU B 51 -6.64 -14.72 7.19
C GLU B 51 -7.33 -15.77 8.05
N VAL B 52 -8.44 -15.35 8.63
CA VAL B 52 -9.16 -16.14 9.59
C VAL B 52 -10.09 -17.05 8.82
N TYR B 53 -10.59 -16.56 7.69
CA TYR B 53 -11.37 -17.34 6.74
C TYR B 53 -10.76 -17.20 5.34
N PRO B 54 -10.80 -18.27 4.53
CA PRO B 54 -10.20 -18.30 3.19
C PRO B 54 -10.64 -17.17 2.30
N VAL B 55 -9.73 -16.69 1.46
CA VAL B 55 -9.99 -15.51 0.60
C VAL B 55 -11.13 -15.77 -0.38
N GLY B 56 -11.28 -17.03 -0.77
CA GLY B 56 -12.39 -17.47 -1.60
C GLY B 56 -13.77 -16.92 -1.22
N ILE B 57 -14.03 -16.76 0.08
CA ILE B 57 -15.39 -16.43 0.51
C ILE B 57 -15.69 -14.93 0.48
N PHE B 58 -14.64 -14.15 0.26
CA PHE B 58 -14.71 -12.68 0.33
C PHE B 58 -14.84 -12.09 -1.05
N GLN B 59 -15.60 -11.00 -1.15
CA GLN B 59 -15.70 -10.20 -2.37
C GLN B 59 -15.45 -8.71 -2.15
N LYS B 60 -14.84 -8.05 -3.14
CA LYS B 60 -14.57 -6.62 -3.07
C LYS B 60 -15.86 -5.82 -3.16
N ARG B 61 -15.97 -4.82 -2.30
CA ARG B 61 -17.05 -3.84 -2.31
C ARG B 61 -16.39 -2.51 -1.94
N LYS B 62 -17.19 -1.48 -1.71
CA LYS B 62 -16.63 -0.15 -1.48
C LYS B 62 -17.44 0.62 -0.43
N LYS B 63 -16.76 1.09 0.59
CA LYS B 63 -17.42 1.56 1.80
C LYS B 63 -16.70 2.77 2.29
N TYR B 64 -17.47 3.79 2.67
CA TYR B 64 -16.87 5.03 3.14
C TYR B 64 -15.94 5.52 2.05
N ASN B 65 -16.38 5.34 0.81
CA ASN B 65 -15.58 5.61 -0.38
C ASN B 65 -14.22 4.92 -0.41
N VAL B 66 -14.07 3.76 0.24
CA VAL B 66 -12.84 2.96 0.10
C VAL B 66 -13.08 1.46 -0.12
N PRO B 67 -12.10 0.81 -0.75
CA PRO B 67 -12.21 -0.58 -1.10
C PRO B 67 -12.08 -1.49 0.12
N VAL B 68 -13.12 -2.28 0.39
CA VAL B 68 -13.02 -3.26 1.44
C VAL B 68 -13.35 -4.62 0.89
N GLN B 69 -13.15 -5.64 1.73
CA GLN B 69 -13.48 -7.04 1.40
C GLN B 69 -14.55 -7.54 2.38
N MET B 70 -15.77 -7.74 1.86
CA MET B 70 -16.89 -8.30 2.64
C MET B 70 -17.14 -9.78 2.31
N SER B 71 -17.70 -10.51 3.26
CA SER B 71 -17.86 -11.97 3.18
C SER B 71 -19.17 -12.36 2.51
N CYS B 72 -19.12 -13.51 1.82
CA CYS B 72 -20.24 -14.00 0.99
C CYS B 72 -21.12 -15.01 1.67
N HIS B 73 -20.49 -15.85 2.49
CA HIS B 73 -21.16 -16.84 3.34
C HIS B 73 -22.31 -16.22 4.15
N PRO B 74 -23.55 -16.69 3.94
CA PRO B 74 -24.67 -16.07 4.67
C PRO B 74 -24.63 -16.37 6.17
N GLU B 75 -24.06 -17.51 6.55
CA GLU B 75 -24.05 -17.89 7.96
C GLU B 75 -23.10 -16.97 8.73
N LEU B 76 -21.89 -16.78 8.23
CA LEU B 76 -20.91 -15.97 8.92
C LEU B 76 -21.39 -14.52 8.92
N ASN B 77 -22.10 -14.11 7.88
CA ASN B 77 -22.62 -12.74 7.82
C ASN B 77 -23.69 -12.58 8.89
N GLN B 78 -24.47 -13.63 9.09
CA GLN B 78 -25.52 -13.64 10.11
C GLN B 78 -24.91 -13.46 11.49
N TYR B 79 -23.90 -14.28 11.74
CA TYR B 79 -23.22 -14.26 13.02
C TYR B 79 -22.70 -12.87 13.39
N ILE B 80 -22.11 -12.19 12.41
CA ILE B 80 -21.58 -10.84 12.61
C ILE B 80 -22.73 -9.86 12.73
N GLN B 81 -23.73 -9.97 11.88
CA GLN B 81 -24.88 -9.05 11.99
C GLN B 81 -25.59 -9.18 13.34
N ASP B 82 -25.83 -10.40 13.77
CA ASP B 82 -26.39 -10.69 15.10
C ASP B 82 -25.55 -10.08 16.23
N THR B 83 -24.24 -10.33 16.17
CA THR B 83 -23.36 -9.83 17.20
C THR B 83 -23.54 -8.34 17.41
N LEU B 84 -23.55 -7.57 16.33
CA LEU B 84 -23.59 -6.12 16.47
C LEU B 84 -24.99 -5.62 16.75
N HIS B 85 -25.97 -6.29 16.17
CA HIS B 85 -27.35 -6.02 16.46
C HIS B 85 -27.61 -5.99 18.00
N CYS B 86 -26.86 -6.78 18.76
CA CYS B 86 -27.02 -6.89 20.22
C CYS B 86 -26.30 -5.77 20.99
N VAL B 87 -25.27 -5.22 20.35
CA VAL B 87 -24.34 -4.32 21.01
C VAL B 87 -24.89 -2.91 20.85
N LYS B 88 -25.74 -2.73 19.84
CA LYS B 88 -26.24 -1.43 19.47
C LYS B 88 -26.98 -0.73 20.60
N PRO B 89 -27.91 -1.44 21.25
CA PRO B 89 -28.67 -0.84 22.33
C PRO B 89 -27.79 -0.33 23.43
N LEU B 90 -26.71 -1.03 23.72
CA LEU B 90 -25.79 -0.56 24.74
C LEU B 90 -24.93 0.61 24.23
N LEU B 91 -24.81 0.71 22.92
CA LEU B 91 -24.14 1.86 22.36
C LEU B 91 -25.00 3.10 22.59
N GLU B 92 -26.28 2.98 22.24
CA GLU B 92 -27.23 4.07 22.44
C GLU B 92 -27.03 4.77 23.77
N LYS B 93 -26.91 4.04 24.86
CA LYS B 93 -26.79 4.66 26.19
C LYS B 93 -25.34 4.89 26.64
N ASN B 94 -24.47 5.05 25.66
CA ASN B 94 -23.04 5.19 25.90
C ASN B 94 -22.51 4.29 27.01
N ASP B 95 -22.86 3.00 26.95
CA ASP B 95 -22.46 2.02 27.97
C ASP B 95 -21.21 1.16 27.68
N VAL B 96 -20.77 1.13 26.43
CA VAL B 96 -19.60 0.36 26.02
C VAL B 96 -18.34 1.19 26.15
N GLU B 97 -17.33 0.62 26.81
CA GLU B 97 -15.97 1.13 26.82
C GLU B 97 -15.22 0.64 25.57
N LYS B 98 -15.27 -0.67 25.29
CA LYS B 98 -14.47 -1.31 24.25
C LYS B 98 -15.32 -2.32 23.51
N VAL B 99 -15.15 -2.38 22.19
CA VAL B 99 -15.52 -3.56 21.43
C VAL B 99 -14.22 -4.18 20.94
N VAL B 100 -13.99 -5.45 21.27
CA VAL B 100 -12.75 -6.12 20.97
C VAL B 100 -12.96 -7.33 20.08
N VAL B 101 -12.35 -7.29 18.90
CA VAL B 101 -12.33 -8.48 18.04
C VAL B 101 -11.12 -9.30 18.44
N VAL B 102 -11.34 -10.44 19.06
CA VAL B 102 -10.22 -11.27 19.48
C VAL B 102 -9.98 -12.42 18.52
N ILE B 103 -8.71 -12.62 18.17
CA ILE B 103 -8.29 -13.78 17.39
C ILE B 103 -7.59 -14.81 18.26
N LEU B 104 -8.13 -16.02 18.18
CA LEU B 104 -7.71 -17.14 19.01
C LEU B 104 -7.06 -18.22 18.18
N ASP B 105 -6.00 -18.82 18.71
CA ASP B 105 -5.33 -19.92 18.05
C ASP B 105 -6.15 -21.23 18.06
N LYS B 106 -5.48 -22.31 17.68
CA LYS B 106 -6.08 -23.65 17.62
C LYS B 106 -6.38 -24.09 19.05
N GLU B 107 -5.48 -23.74 19.96
CA GLU B 107 -5.60 -24.10 21.37
C GLU B 107 -6.57 -23.20 22.17
N HIS B 108 -7.35 -22.38 21.50
CA HIS B 108 -8.18 -21.35 22.17
C HIS B 108 -7.46 -20.31 23.07
N ARG B 109 -6.17 -20.09 22.83
CA ARG B 109 -5.44 -18.95 23.44
C ARG B 109 -5.48 -17.71 22.52
N PRO B 110 -5.60 -16.51 23.11
CA PRO B 110 -5.54 -15.31 22.26
C PRO B 110 -4.16 -15.09 21.67
N VAL B 111 -4.12 -14.75 20.37
CA VAL B 111 -2.87 -14.35 19.67
C VAL B 111 -2.87 -12.86 19.34
N GLU B 112 -4.05 -12.33 19.04
CA GLU B 112 -4.19 -10.96 18.58
C GLU B 112 -5.54 -10.37 19.05
N LYS B 113 -5.55 -9.07 19.36
CA LYS B 113 -6.77 -8.37 19.75
C LYS B 113 -6.88 -7.07 19.00
N PHE B 114 -8.05 -6.78 18.49
CA PHE B 114 -8.28 -5.50 17.85
C PHE B 114 -9.24 -4.73 18.73
N VAL B 115 -8.73 -3.68 19.35
CA VAL B 115 -9.50 -2.93 20.33
C VAL B 115 -10.03 -1.64 19.76
N PHE B 116 -11.34 -1.57 19.68
CA PHE B 116 -12.02 -0.32 19.40
C PHE B 116 -12.45 0.33 20.74
N GLU B 117 -11.56 1.14 21.29
CA GLU B 117 -11.81 1.94 22.50
C GLU B 117 -12.75 3.07 22.15
N ILE B 118 -13.89 3.10 22.83
CA ILE B 118 -14.95 4.04 22.51
C ILE B 118 -15.11 5.01 23.66
N THR B 119 -15.51 6.23 23.31
CA THR B 119 -15.60 7.37 24.25
C THR B 119 -16.38 8.55 23.59
N GLN B 120 -17.71 8.49 23.58
CA GLN B 120 -18.53 9.58 23.02
C GLN B 120 -18.58 10.81 23.95
N SER B 130 -21.00 21.54 9.50
CA SER B 130 -20.24 20.71 8.55
C SER B 130 -19.45 19.60 9.26
N LEU B 131 -19.98 19.09 10.37
CA LEU B 131 -19.28 18.07 11.17
C LEU B 131 -19.87 16.66 10.95
N LEU B 132 -21.12 16.56 10.50
CA LEU B 132 -21.78 15.26 10.30
C LEU B 132 -21.43 14.54 9.02
N SER B 133 -20.90 15.31 8.05
CA SER B 133 -20.30 14.76 6.83
C SER B 133 -18.91 14.17 7.12
N HIS B 134 -18.23 14.81 8.08
CA HIS B 134 -16.81 14.59 8.41
C HIS B 134 -16.51 13.14 8.78
N VAL B 135 -17.57 12.35 8.91
CA VAL B 135 -17.54 11.14 9.69
C VAL B 135 -17.27 9.90 8.82
N GLU B 136 -17.90 9.85 7.66
CA GLU B 136 -17.48 8.97 6.57
C GLU B 136 -15.96 9.02 6.38
N GLN B 137 -15.43 10.24 6.24
CA GLN B 137 -14.02 10.40 5.90
C GLN B 137 -13.12 10.07 7.11
N LEU B 138 -13.56 10.38 8.32
CA LEU B 138 -12.84 9.92 9.50
C LEU B 138 -12.93 8.39 9.71
N LEU B 139 -14.00 7.76 9.26
CA LEU B 139 -14.12 6.31 9.42
C LEU B 139 -13.31 5.54 8.37
N ALA B 140 -13.27 6.09 7.18
CA ALA B 140 -12.41 5.60 6.11
C ALA B 140 -10.97 5.38 6.59
N ALA B 141 -10.46 6.29 7.40
CA ALA B 141 -9.10 6.19 7.85
C ALA B 141 -8.81 4.93 8.67
N PHE B 142 -9.84 4.42 9.35
CA PHE B 142 -9.70 3.21 10.14
C PHE B 142 -9.63 2.05 9.19
N ILE B 143 -10.49 2.10 8.18
CA ILE B 143 -10.50 1.05 7.17
C ILE B 143 -9.14 0.95 6.49
N LEU B 144 -8.67 2.09 6.01
CA LEU B 144 -7.36 2.21 5.37
C LEU B 144 -6.27 1.62 6.25
N LYS B 145 -6.28 1.95 7.53
CA LYS B 145 -5.26 1.42 8.43
C LYS B 145 -5.40 -0.09 8.69
N ILE B 146 -6.61 -0.61 8.69
CA ILE B 146 -6.83 -2.05 8.89
C ILE B 146 -6.43 -2.77 7.62
N SER B 147 -6.81 -2.18 6.50
CA SER B 147 -6.38 -2.61 5.17
C SER B 147 -4.93 -3.06 5.05
N VAL B 148 -4.02 -2.38 5.73
CA VAL B 148 -2.63 -2.63 5.50
C VAL B 148 -1.93 -3.13 6.75
N CYS B 149 -2.70 -3.38 7.81
CA CYS B 149 -2.13 -3.67 9.11
C CYS B 149 -1.38 -4.97 9.11
N ASP B 150 -1.71 -5.86 8.18
CA ASP B 150 -1.06 -7.17 8.13
C ASP B 150 0.42 -7.10 7.77
N ALA B 151 0.84 -5.97 7.20
CA ALA B 151 2.23 -5.69 6.86
C ALA B 151 3.07 -5.32 8.05
N VAL B 152 2.45 -5.10 9.20
CA VAL B 152 3.22 -4.84 10.39
C VAL B 152 2.99 -5.89 11.50
N LEU B 153 1.92 -6.66 11.39
CA LEU B 153 1.67 -7.73 12.31
C LEU B 153 2.29 -9.00 11.79
N ASP B 154 2.92 -9.74 12.70
CA ASP B 154 3.37 -11.10 12.43
C ASP B 154 2.22 -12.01 12.00
N HIS B 155 2.49 -12.91 11.07
CA HIS B 155 1.49 -13.88 10.59
C HIS B 155 0.88 -14.73 11.72
N ASN B 156 -0.44 -14.88 11.73
CA ASN B 156 -1.06 -15.77 12.71
C ASN B 156 -0.90 -17.25 12.37
N PRO B 157 -0.75 -18.10 13.40
CA PRO B 157 -0.77 -19.56 13.14
C PRO B 157 -2.07 -19.98 12.46
N PRO B 158 -2.04 -21.11 11.76
CA PRO B 158 -3.29 -21.47 11.10
C PRO B 158 -4.23 -22.10 12.11
N GLY B 159 -5.45 -22.39 11.69
CA GLY B 159 -6.51 -22.79 12.61
C GLY B 159 -6.83 -21.71 13.63
N CYS B 160 -6.78 -20.45 13.20
CA CYS B 160 -7.24 -19.40 14.07
C CYS B 160 -8.73 -19.15 13.84
N THR B 161 -9.41 -18.85 14.94
CA THR B 161 -10.82 -18.45 14.94
C THR B 161 -10.84 -17.07 15.59
N PHE B 162 -12.00 -16.43 15.55
CA PHE B 162 -12.20 -15.14 16.22
C PHE B 162 -13.43 -15.16 17.14
N THR B 163 -13.48 -14.20 18.07
CA THR B 163 -14.72 -13.87 18.76
C THR B 163 -14.82 -12.37 19.01
N VAL B 164 -15.99 -11.91 19.47
CA VAL B 164 -16.18 -10.51 19.86
C VAL B 164 -16.44 -10.29 21.35
N LEU B 165 -15.68 -9.39 21.95
CA LEU B 165 -15.83 -9.08 23.35
C LEU B 165 -16.32 -7.65 23.53
N VAL B 166 -17.29 -7.46 24.41
CA VAL B 166 -17.75 -6.14 24.77
C VAL B 166 -17.35 -5.87 26.20
N HIS B 167 -16.51 -4.85 26.41
CA HIS B 167 -16.24 -4.36 27.76
C HIS B 167 -17.24 -3.26 28.09
N THR B 168 -18.11 -3.48 29.08
CA THR B 168 -19.04 -2.43 29.49
C THR B 168 -18.36 -1.37 30.34
N ARG B 169 -18.90 -0.16 30.34
CA ARG B 169 -18.37 0.88 31.25
C ARG B 169 -18.57 0.42 32.70
N GLU B 170 -19.79 0.04 33.05
CA GLU B 170 -19.96 -0.57 34.36
C GLU B 170 -20.46 -2.00 34.29
N ALA B 171 -20.15 -2.77 35.34
CA ALA B 171 -20.80 -4.07 35.58
C ALA B 171 -22.26 -3.81 35.99
N ALA B 172 -23.20 -4.04 35.07
CA ALA B 172 -24.56 -3.56 35.24
C ALA B 172 -25.60 -4.49 34.61
N THR B 173 -26.52 -4.93 35.44
CA THR B 173 -27.70 -5.71 35.05
C THR B 173 -28.33 -5.24 33.74
N ARG B 174 -28.52 -3.93 33.57
CA ARG B 174 -29.10 -3.37 32.33
C ARG B 174 -28.36 -3.85 31.08
N ASN B 175 -27.04 -3.99 31.21
CA ASN B 175 -26.18 -4.38 30.11
C ASN B 175 -26.63 -5.73 29.56
N MET B 176 -26.73 -6.73 30.43
CA MET B 176 -27.25 -8.04 30.04
C MET B 176 -28.69 -8.00 29.56
N GLU B 177 -29.53 -7.19 30.18
CA GLU B 177 -30.94 -7.25 29.83
C GLU B 177 -31.07 -6.75 28.38
N LYS B 178 -30.33 -5.69 28.07
CA LYS B 178 -30.36 -5.09 26.73
C LYS B 178 -29.61 -5.91 25.66
N ILE B 179 -28.52 -6.57 26.05
CA ILE B 179 -27.76 -7.35 25.09
C ILE B 179 -28.46 -8.63 24.69
N GLN B 180 -29.50 -8.99 25.44
CA GLN B 180 -30.05 -10.33 25.35
C GLN B 180 -31.32 -10.42 24.52
N VAL B 181 -31.47 -9.52 23.57
CA VAL B 181 -32.75 -9.34 22.89
C VAL B 181 -32.85 -10.12 21.58
N ILE B 182 -31.88 -10.96 21.26
CA ILE B 182 -32.10 -11.94 20.19
C ILE B 182 -31.95 -13.32 20.82
N LYS B 183 -32.97 -14.15 20.63
CA LYS B 183 -33.14 -15.27 21.56
C LYS B 183 -32.26 -16.42 21.16
N ASP B 184 -32.24 -16.75 19.86
CA ASP B 184 -31.30 -17.73 19.32
C ASP B 184 -29.81 -17.36 19.49
N PHE B 185 -29.52 -16.17 20.02
CA PHE B 185 -28.15 -15.66 20.06
C PHE B 185 -27.82 -14.99 21.40
N PRO B 186 -27.60 -15.81 22.43
CA PRO B 186 -27.33 -15.31 23.76
C PRO B 186 -25.88 -14.97 24.07
N TRP B 187 -25.68 -14.08 25.05
CA TRP B 187 -24.34 -13.72 25.52
C TRP B 187 -24.14 -14.25 26.90
N ILE B 188 -22.89 -14.32 27.31
CA ILE B 188 -22.51 -14.79 28.62
C ILE B 188 -21.41 -13.89 29.13
N LEU B 189 -21.15 -13.96 30.42
CA LEU B 189 -20.09 -13.15 30.93
C LEU B 189 -18.82 -13.87 30.64
N ALA B 190 -17.78 -13.12 30.28
CA ALA B 190 -16.48 -13.68 29.96
C ALA B 190 -15.62 -13.85 31.20
N ASP B 191 -14.58 -14.66 31.07
CA ASP B 191 -13.62 -14.84 32.16
C ASP B 191 -12.19 -14.50 31.73
N GLU B 192 -11.25 -14.77 32.63
CA GLU B 192 -9.85 -14.52 32.36
C GLU B 192 -9.44 -15.14 31.05
N GLN B 193 -9.85 -16.38 30.83
CA GLN B 193 -9.25 -17.22 29.80
C GLN B 193 -9.41 -16.62 28.39
N ASP B 194 -10.52 -15.91 28.20
CA ASP B 194 -10.83 -15.23 26.94
C ASP B 194 -10.06 -13.92 26.75
N VAL B 195 -9.54 -13.37 27.86
CA VAL B 195 -8.94 -12.04 27.87
C VAL B 195 -7.44 -12.14 28.00
N HIS B 196 -6.92 -13.19 28.59
CA HIS B 196 -5.52 -13.20 28.92
C HIS B 196 -4.64 -13.42 27.69
N MET B 197 -3.46 -12.79 27.75
CA MET B 197 -2.47 -12.78 26.67
C MET B 197 -1.09 -12.48 27.28
N HIS B 198 -0.15 -13.41 27.15
CA HIS B 198 1.16 -13.21 27.76
C HIS B 198 2.01 -12.20 27.00
N ASP B 199 2.41 -11.13 27.71
CA ASP B 199 3.39 -10.14 27.22
C ASP B 199 3.04 -9.59 25.82
N PRO B 200 1.92 -8.86 25.72
CA PRO B 200 1.43 -8.43 24.42
C PRO B 200 2.14 -7.21 23.88
N ARG B 201 2.08 -7.04 22.56
CA ARG B 201 2.64 -5.84 21.93
C ARG B 201 1.56 -4.96 21.38
N LEU B 202 1.82 -3.66 21.39
CA LEU B 202 0.80 -2.67 21.09
C LEU B 202 1.09 -2.02 19.75
N ILE B 203 0.18 -2.16 18.79
CA ILE B 203 0.34 -1.52 17.49
C ILE B 203 -0.80 -0.53 17.27
N PRO B 204 -0.55 0.73 17.59
CA PRO B 204 -1.60 1.70 17.41
C PRO B 204 -2.00 1.75 15.96
N LEU B 205 -3.26 1.99 15.67
CA LEU B 205 -3.67 2.07 14.28
C LEU B 205 -4.20 3.44 13.93
N LYS B 206 -5.31 3.80 14.56
CA LYS B 206 -5.96 5.03 14.21
C LYS B 206 -6.65 5.68 15.39
N THR B 207 -6.69 7.02 15.38
CA THR B 207 -7.41 7.83 16.35
C THR B 207 -8.25 8.88 15.65
N MET B 208 -9.51 9.01 16.09
CA MET B 208 -10.36 10.10 15.64
C MET B 208 -10.93 10.92 16.79
N THR B 209 -11.23 12.18 16.51
CA THR B 209 -11.87 13.10 17.47
C THR B 209 -12.84 14.04 16.77
N SER B 210 -14.12 13.87 17.05
CA SER B 210 -15.17 14.63 16.41
C SER B 210 -16.18 15.07 17.46
N ASP B 211 -17.23 15.77 17.05
CA ASP B 211 -18.21 16.31 17.97
C ASP B 211 -18.83 15.15 18.71
N ILE B 212 -19.41 14.24 17.95
CA ILE B 212 -20.22 13.15 18.50
C ILE B 212 -19.30 12.13 19.11
N LEU B 213 -18.57 11.46 18.21
CA LEU B 213 -17.79 10.29 18.54
C LEU B 213 -16.31 10.57 18.72
N LYS B 214 -15.73 9.97 19.75
CA LYS B 214 -14.29 9.89 19.94
C LYS B 214 -13.89 8.40 20.05
N MET B 215 -13.06 7.94 19.12
CA MET B 215 -12.75 6.50 19.02
C MET B 215 -11.28 6.22 18.72
N GLN B 216 -10.77 5.19 19.37
CA GLN B 216 -9.40 4.77 19.15
C GLN B 216 -9.38 3.29 18.75
N LEU B 217 -8.54 2.92 17.77
CA LEU B 217 -8.30 1.51 17.41
C LEU B 217 -6.84 1.17 17.47
N TYR B 218 -6.49 0.11 18.21
CA TYR B 218 -5.13 -0.37 18.27
C TYR B 218 -5.17 -1.89 18.34
N VAL B 219 -4.00 -2.50 18.21
CA VAL B 219 -3.92 -3.91 18.15
C VAL B 219 -2.97 -4.39 19.20
N GLU B 220 -3.35 -5.48 19.84
CA GLU B 220 -2.45 -6.21 20.73
C GLU B 220 -2.15 -7.59 20.18
N GLU B 221 -0.85 -7.90 20.18
CA GLU B 221 -0.27 -9.08 19.58
C GLU B 221 0.74 -9.64 20.56
N ARG B 222 0.73 -10.94 20.81
CA ARG B 222 1.75 -11.54 21.69
C ARG B 222 2.99 -11.88 20.90
N ALA B 223 4.09 -12.20 21.58
CA ALA B 223 5.32 -12.69 20.92
C ALA B 223 5.23 -14.18 20.54
N HIS B 224 6.08 -14.60 19.60
CA HIS B 224 5.90 -15.89 18.89
C HIS B 224 5.37 -15.69 17.46
N THR C 28 19.03 -14.63 -14.83
CA THR C 28 19.76 -14.93 -13.55
C THR C 28 18.91 -15.45 -12.37
N ALA C 29 19.52 -15.38 -11.18
CA ALA C 29 19.11 -16.21 -10.05
C ALA C 29 17.90 -15.64 -9.34
N ASN C 30 17.55 -14.44 -9.76
CA ASN C 30 16.42 -13.72 -9.24
C ASN C 30 15.40 -13.36 -10.34
N ILE C 31 15.43 -14.07 -11.47
CA ILE C 31 14.35 -13.94 -12.43
C ILE C 31 13.56 -15.23 -12.56
N LEU C 32 12.26 -15.14 -12.28
CA LEU C 32 11.37 -16.28 -12.43
C LEU C 32 10.47 -16.13 -13.62
N LYS C 33 10.17 -17.26 -14.27
CA LYS C 33 9.31 -17.27 -15.44
C LYS C 33 8.51 -18.56 -15.54
N PRO C 34 7.26 -18.44 -15.97
CA PRO C 34 6.39 -19.62 -16.11
C PRO C 34 6.97 -20.63 -17.10
N LEU C 35 6.95 -21.90 -16.72
CA LEU C 35 7.31 -22.97 -17.62
C LEU C 35 6.49 -22.98 -18.90
N MET C 36 5.17 -22.91 -18.76
CA MET C 36 4.22 -22.77 -19.87
C MET C 36 4.28 -21.48 -20.66
N SER C 37 4.22 -21.70 -21.98
CA SER C 37 3.89 -20.68 -22.94
C SER C 37 2.44 -20.29 -22.87
N PRO C 38 2.12 -19.01 -23.07
CA PRO C 38 0.71 -18.72 -23.29
C PRO C 38 0.20 -19.35 -24.59
N PRO C 39 -1.12 -19.60 -24.72
CA PRO C 39 -1.65 -20.06 -25.99
C PRO C 39 -1.27 -19.14 -27.13
N SER C 40 -0.77 -19.73 -28.22
CA SER C 40 -0.31 -18.95 -29.39
C SER C 40 -1.47 -18.28 -30.12
N ARG C 41 -1.11 -17.48 -31.12
CA ARG C 41 -2.09 -16.84 -32.03
C ARG C 41 -2.90 -17.90 -32.78
N GLU C 42 -2.20 -18.79 -33.47
CA GLU C 42 -2.81 -20.00 -34.07
C GLU C 42 -3.84 -20.65 -33.18
N GLU C 43 -3.41 -21.14 -32.02
CA GLU C 43 -4.25 -21.90 -31.09
C GLU C 43 -5.51 -21.15 -30.73
N ILE C 44 -5.55 -19.86 -31.05
CA ILE C 44 -6.68 -19.01 -30.72
C ILE C 44 -7.62 -18.90 -31.92
N MET C 45 -7.03 -18.88 -33.12
CA MET C 45 -7.80 -18.65 -34.34
C MET C 45 -9.10 -19.46 -34.41
N ALA C 46 -9.16 -20.53 -33.60
CA ALA C 46 -10.33 -21.41 -33.58
C ALA C 46 -10.84 -21.68 -32.16
N THR C 47 -11.54 -20.71 -31.58
CA THR C 47 -12.37 -20.93 -30.36
C THR C 47 -13.39 -19.82 -30.15
N THR D 28 -13.80 -10.79 33.49
CA THR D 28 -14.08 -10.13 34.75
C THR D 28 -15.43 -9.42 34.72
N ALA D 29 -15.78 -8.76 35.81
CA ALA D 29 -17.18 -8.36 36.06
C ALA D 29 -17.97 -7.77 34.89
N ASN D 30 -17.26 -7.09 33.99
CA ASN D 30 -17.90 -6.27 32.97
C ASN D 30 -17.58 -6.62 31.51
N ILE D 31 -17.36 -7.91 31.21
CA ILE D 31 -17.13 -8.34 29.82
C ILE D 31 -18.12 -9.39 29.32
N LEU D 32 -18.83 -9.03 28.25
CA LEU D 32 -19.75 -9.94 27.57
C LEU D 32 -19.17 -10.49 26.27
N LYS D 33 -19.38 -11.79 26.02
CA LYS D 33 -19.05 -12.40 24.73
C LYS D 33 -20.21 -13.26 24.26
N PRO D 34 -20.37 -13.42 22.94
CA PRO D 34 -21.43 -14.33 22.48
C PRO D 34 -21.15 -15.75 22.89
N LEU D 35 -22.20 -16.50 23.14
CA LEU D 35 -22.05 -17.88 23.58
C LEU D 35 -21.63 -18.73 22.40
N MET D 36 -22.36 -18.57 21.31
CA MET D 36 -22.10 -19.25 20.04
C MET D 36 -20.74 -18.90 19.51
N SER D 37 -20.05 -19.90 18.96
CA SER D 37 -18.93 -19.67 18.07
C SER D 37 -19.38 -19.24 16.69
N PRO D 38 -18.53 -18.46 16.02
CA PRO D 38 -18.69 -18.26 14.59
C PRO D 38 -18.45 -19.57 13.83
N PRO D 39 -19.02 -19.70 12.61
CA PRO D 39 -18.78 -20.79 11.69
C PRO D 39 -17.33 -21.24 11.66
N SER D 40 -17.07 -22.53 11.54
CA SER D 40 -15.69 -23.00 11.52
C SER D 40 -15.07 -22.88 10.12
N ARG D 41 -13.74 -22.79 10.11
CA ARG D 41 -12.97 -22.66 8.87
C ARG D 41 -13.38 -23.76 7.86
N GLU D 42 -13.35 -25.00 8.35
CA GLU D 42 -13.86 -26.19 7.65
C GLU D 42 -15.32 -26.06 7.21
N GLU D 43 -16.20 -25.64 8.10
CA GLU D 43 -17.64 -25.51 7.79
C GLU D 43 -17.91 -24.76 6.48
N ILE D 44 -17.03 -23.82 6.15
CA ILE D 44 -17.19 -22.96 4.98
C ILE D 44 -16.24 -23.38 3.84
N MET D 45 -15.13 -24.01 4.23
CA MET D 45 -14.29 -24.79 3.31
C MET D 45 -15.14 -25.91 2.70
N ALA D 46 -16.42 -25.94 3.04
CA ALA D 46 -17.36 -26.92 2.48
C ALA D 46 -18.75 -26.30 2.29
N THR D 47 -18.78 -25.03 1.88
CA THR D 47 -20.01 -24.36 1.36
C THR D 47 -19.64 -23.17 0.47
N ALA E 41 12.47 15.23 -3.84
CA ALA E 41 13.80 15.51 -3.32
C ALA E 41 14.75 15.96 -4.43
N PRO E 42 14.39 15.63 -5.67
CA PRO E 42 15.11 16.14 -6.84
C PRO E 42 14.62 17.53 -7.23
N ASN E 43 15.50 18.53 -7.15
CA ASN E 43 15.14 19.90 -7.49
C ASN E 43 16.12 20.52 -8.48
N LEU E 44 15.59 21.36 -9.38
CA LEU E 44 16.39 22.38 -10.03
C LEU E 44 16.39 23.68 -9.22
N ALA E 45 17.52 24.01 -8.63
CA ALA E 45 17.70 25.29 -7.96
C ALA E 45 16.49 25.63 -7.09
N GLY E 46 16.00 24.64 -6.36
CA GLY E 46 14.89 24.83 -5.45
C GLY E 46 13.56 24.39 -6.05
N ALA E 47 13.39 24.66 -7.34
CA ALA E 47 12.24 24.13 -8.08
C ALA E 47 12.16 22.62 -7.96
N VAL E 48 11.19 22.14 -7.17
CA VAL E 48 10.92 20.71 -7.07
C VAL E 48 9.77 20.31 -7.98
N GLU E 49 8.67 21.06 -7.91
CA GLU E 49 7.45 20.72 -8.63
C GLU E 49 7.70 20.76 -10.11
N PHE E 50 7.21 19.77 -10.86
CA PHE E 50 7.59 19.68 -12.25
C PHE E 50 7.53 21.05 -12.95
N ASN E 51 6.46 21.79 -12.70
CA ASN E 51 6.13 23.01 -13.48
C ASN E 51 6.99 24.23 -13.11
N ASP E 52 7.53 24.21 -11.90
CA ASP E 52 8.50 25.20 -11.46
C ASP E 52 9.82 24.96 -12.20
N VAL E 53 10.10 23.69 -12.47
CA VAL E 53 11.29 23.26 -13.21
C VAL E 53 11.07 23.69 -14.67
N LYS E 54 9.88 23.43 -15.19
CA LYS E 54 9.48 23.88 -16.52
C LYS E 54 9.59 25.40 -16.72
N THR E 55 9.02 26.17 -15.79
CA THR E 55 9.04 27.60 -16.00
C THR E 55 10.47 28.10 -15.85
N LEU E 56 11.15 27.63 -14.82
CA LEU E 56 12.50 28.04 -14.59
C LEU E 56 13.38 27.76 -15.80
N LEU E 57 13.27 26.57 -16.37
CA LEU E 57 14.00 26.27 -17.58
C LEU E 57 13.63 27.15 -18.76
N ARG E 58 12.33 27.43 -18.91
CA ARG E 58 11.80 28.16 -20.08
C ARG E 58 12.31 29.58 -20.03
N GLU E 59 12.15 30.20 -18.89
CA GLU E 59 12.58 31.58 -18.70
C GLU E 59 14.06 31.65 -18.97
N TRP E 60 14.78 30.63 -18.50
CA TRP E 60 16.23 30.57 -18.59
C TRP E 60 16.71 30.46 -20.02
N ILE E 61 16.07 29.64 -20.83
CA ILE E 61 16.56 29.43 -22.19
C ILE E 61 16.10 30.54 -23.13
N THR E 62 15.23 31.40 -22.63
CA THR E 62 14.47 32.33 -23.43
C THR E 62 14.91 33.73 -23.13
N THR E 63 15.70 33.86 -22.07
CA THR E 63 16.24 35.12 -21.58
C THR E 63 17.73 35.25 -21.89
N ILE E 64 18.44 34.14 -21.67
CA ILE E 64 19.90 34.07 -21.75
C ILE E 64 20.32 33.55 -23.13
N SER E 65 21.35 34.17 -23.70
CA SER E 65 21.96 33.73 -24.98
C SER E 65 23.38 33.22 -24.80
N ASP E 66 23.97 33.55 -23.64
CA ASP E 66 25.18 32.86 -23.21
C ASP E 66 25.05 32.29 -21.80
N PRO E 67 24.57 31.02 -21.68
CA PRO E 67 24.41 30.44 -20.34
C PRO E 67 25.73 30.07 -19.67
N MET E 68 25.80 30.34 -18.38
CA MET E 68 26.81 29.80 -17.49
C MET E 68 26.84 28.28 -17.49
N GLU E 69 27.96 27.73 -17.93
CA GLU E 69 28.32 26.32 -17.74
C GLU E 69 27.91 25.76 -16.38
N GLU E 70 28.22 26.49 -15.30
CA GLU E 70 27.80 26.06 -13.99
C GLU E 70 26.32 25.71 -13.93
N ASP E 71 25.51 26.39 -14.73
CA ASP E 71 24.06 26.14 -14.78
C ASP E 71 23.76 24.89 -15.60
N ILE E 72 24.35 24.82 -16.78
CA ILE E 72 24.22 23.66 -17.63
C ILE E 72 24.46 22.38 -16.81
N LEU E 73 25.61 22.33 -16.13
CA LEU E 73 25.97 21.25 -15.20
C LEU E 73 24.94 20.91 -14.14
N GLN E 74 24.30 21.92 -13.54
CA GLN E 74 23.14 21.68 -12.63
C GLN E 74 21.98 20.99 -13.34
N VAL E 75 21.81 21.28 -14.62
CA VAL E 75 20.73 20.63 -15.35
C VAL E 75 21.07 19.17 -15.50
N VAL E 76 22.28 18.88 -15.93
CA VAL E 76 22.75 17.51 -16.02
C VAL E 76 22.56 16.84 -14.68
N LYS E 77 22.97 17.51 -13.62
CA LYS E 77 22.90 16.85 -12.34
C LYS E 77 21.46 16.54 -12.00
N TYR E 78 20.60 17.51 -12.26
CA TYR E 78 19.19 17.38 -11.94
C TYR E 78 18.61 16.17 -12.67
N CYS E 79 18.97 16.03 -13.92
CA CYS E 79 18.57 14.87 -14.68
C CYS E 79 19.12 13.54 -14.16
N THR E 80 20.32 13.52 -13.58
CA THR E 80 20.85 12.23 -13.21
C THR E 80 20.28 11.86 -11.88
N ASP E 81 20.01 12.86 -11.04
CA ASP E 81 19.18 12.64 -9.85
C ASP E 81 17.77 12.11 -10.18
N LEU E 82 17.17 12.55 -11.28
CA LEU E 82 15.89 12.01 -11.63
C LEU E 82 16.09 10.53 -11.87
N ILE E 83 17.21 10.14 -12.45
CA ILE E 83 17.42 8.71 -12.73
C ILE E 83 17.62 7.93 -11.43
N GLU E 84 18.47 8.42 -10.54
CA GLU E 84 18.65 7.80 -9.25
C GLU E 84 17.38 7.76 -8.41
N GLU E 85 16.48 8.72 -8.56
CA GLU E 85 15.21 8.64 -7.83
C GLU E 85 14.11 7.90 -8.54
N LYS E 86 14.44 7.20 -9.61
CA LYS E 86 13.45 6.49 -10.39
C LYS E 86 12.31 7.42 -10.77
N ASP E 87 12.58 8.58 -11.38
CA ASP E 87 11.48 9.35 -11.97
C ASP E 87 11.69 9.56 -13.44
N LEU E 88 11.61 8.46 -14.15
CA LEU E 88 11.79 8.41 -15.60
C LEU E 88 10.75 9.11 -16.43
N GLU E 89 9.55 9.27 -15.89
CA GLU E 89 8.55 10.06 -16.56
C GLU E 89 9.01 11.51 -16.64
N LYS E 90 9.48 12.06 -15.54
CA LYS E 90 9.87 13.45 -15.51
C LYS E 90 11.07 13.77 -16.40
N LEU E 91 12.12 12.95 -16.36
CA LEU E 91 13.27 13.29 -17.22
C LEU E 91 12.95 13.25 -18.69
N ASP E 92 12.15 12.29 -19.11
CA ASP E 92 11.60 12.24 -20.47
C ASP E 92 10.88 13.54 -20.82
N LEU E 93 10.03 14.03 -19.92
CA LEU E 93 9.36 15.32 -20.11
C LEU E 93 10.35 16.46 -20.22
N VAL E 94 11.19 16.61 -19.20
CA VAL E 94 12.26 17.61 -19.18
C VAL E 94 13.17 17.51 -20.42
N ILE E 95 13.59 16.31 -20.76
CA ILE E 95 14.45 16.17 -21.87
C ILE E 95 13.80 16.74 -23.12
N LYS E 96 12.59 16.32 -23.36
CA LYS E 96 11.80 16.74 -24.52
C LYS E 96 11.53 18.23 -24.51
N TYR E 97 11.20 18.77 -23.35
CA TYR E 97 10.92 20.18 -23.22
C TYR E 97 12.11 20.96 -23.62
N MET E 98 13.26 20.62 -23.06
CA MET E 98 14.42 21.45 -23.32
C MET E 98 15.00 21.13 -24.68
N LYS E 99 14.63 20.00 -25.24
CA LYS E 99 15.00 19.72 -26.61
C LYS E 99 14.30 20.71 -27.53
N ARG E 100 13.04 20.95 -27.23
CA ARG E 100 12.22 21.77 -28.07
C ARG E 100 12.72 23.21 -27.96
N LEU E 101 12.85 23.75 -26.76
CA LEU E 101 13.32 25.11 -26.63
C LEU E 101 14.77 25.26 -27.07
N MET E 102 15.67 24.46 -26.53
CA MET E 102 17.08 24.56 -26.88
C MET E 102 17.32 24.54 -28.39
N GLN E 103 16.77 23.54 -29.07
CA GLN E 103 16.98 23.40 -30.52
C GLN E 103 16.26 24.48 -31.37
N GLN E 104 15.13 25.00 -30.89
CA GLN E 104 14.39 26.07 -31.56
C GLN E 104 15.15 27.40 -31.54
N SER E 105 15.94 27.61 -30.48
CA SER E 105 16.74 28.82 -30.32
C SER E 105 17.68 29.01 -31.48
N VAL E 106 17.97 30.27 -31.79
CA VAL E 106 18.83 30.63 -32.94
C VAL E 106 20.29 30.37 -32.60
N GLU E 107 20.65 30.75 -31.37
CA GLU E 107 21.96 30.46 -30.80
C GLU E 107 22.46 29.02 -31.02
N SER E 108 23.53 28.91 -31.77
CA SER E 108 24.39 27.75 -31.78
C SER E 108 24.54 27.19 -30.35
N VAL E 109 24.56 28.08 -29.36
CA VAL E 109 25.03 27.68 -28.04
C VAL E 109 24.08 26.73 -27.30
N TRP E 110 22.77 26.91 -27.51
CA TRP E 110 21.73 26.16 -26.83
C TRP E 110 21.62 24.81 -27.46
N ASN E 111 21.96 24.77 -28.74
CA ASN E 111 21.90 23.54 -29.49
C ASN E 111 22.98 22.59 -28.96
N MET E 112 24.17 23.14 -28.81
CA MET E 112 25.29 22.46 -28.22
C MET E 112 25.03 22.15 -26.75
N ALA E 113 24.39 23.04 -26.03
CA ALA E 113 24.04 22.78 -24.65
C ALA E 113 23.18 21.50 -24.52
N PHE E 114 22.17 21.42 -25.37
CA PHE E 114 21.31 20.28 -25.32
C PHE E 114 22.12 19.01 -25.56
N ASP E 115 22.93 19.03 -26.59
CA ASP E 115 23.72 17.85 -26.93
C ASP E 115 24.55 17.37 -25.73
N PHE E 116 25.09 18.31 -24.97
CA PHE E 116 25.94 17.97 -23.84
C PHE E 116 25.11 17.28 -22.75
N ILE E 117 23.99 17.89 -22.41
CA ILE E 117 23.13 17.40 -21.34
C ILE E 117 22.67 15.98 -21.68
N LEU E 118 22.37 15.73 -22.95
CA LEU E 118 21.72 14.47 -23.35
C LEU E 118 22.76 13.40 -23.33
N ASP E 119 23.93 13.70 -23.87
CA ASP E 119 25.06 12.79 -23.80
C ASP E 119 25.21 12.30 -22.39
N ASN E 120 25.33 13.24 -21.46
CA ASN E 120 25.63 12.88 -20.08
C ASN E 120 24.48 12.16 -19.38
N VAL E 121 23.27 12.28 -19.90
CA VAL E 121 22.14 11.57 -19.36
C VAL E 121 22.15 10.17 -19.97
N GLN E 122 22.45 10.07 -21.24
CA GLN E 122 22.51 8.76 -21.87
C GLN E 122 23.52 7.77 -21.29
N VAL E 123 24.73 8.19 -20.94
CA VAL E 123 25.69 7.21 -20.46
C VAL E 123 25.23 6.73 -19.12
N VAL E 124 24.57 7.60 -18.36
CA VAL E 124 24.05 7.19 -17.07
C VAL E 124 22.87 6.24 -17.26
N LEU E 125 21.91 6.54 -18.14
CA LEU E 125 20.83 5.57 -18.32
C LEU E 125 21.34 4.23 -18.78
N GLN E 126 22.28 4.25 -19.71
CA GLN E 126 22.77 3.02 -20.35
C GLN E 126 23.35 2.10 -19.32
N GLN E 127 23.79 2.65 -18.18
CA GLN E 127 24.30 1.84 -17.07
C GLN E 127 23.33 1.64 -15.95
N THR E 128 22.36 2.52 -15.76
CA THR E 128 21.42 2.26 -14.71
C THR E 128 20.32 1.33 -15.20
N TYR E 129 20.03 1.38 -16.48
CA TYR E 129 18.87 0.69 -16.99
C TYR E 129 19.17 -0.17 -18.20
N GLY E 130 20.41 -0.18 -18.69
CA GLY E 130 20.74 -0.95 -19.88
C GLY E 130 20.22 -0.40 -21.20
N SER E 131 19.93 0.89 -21.26
CA SER E 131 19.14 1.50 -22.32
C SER E 131 19.42 2.96 -22.42
N THR E 132 19.21 3.54 -23.59
CA THR E 132 19.30 4.97 -23.74
C THR E 132 17.92 5.49 -24.05
N LEU E 133 17.65 6.73 -23.70
CA LEU E 133 16.35 7.30 -23.88
C LEU E 133 16.06 7.41 -25.35
N LYS E 134 14.80 7.18 -25.74
CA LYS E 134 14.37 7.34 -27.13
C LYS E 134 14.15 8.80 -27.48
N VAL E 135 14.93 9.28 -28.44
CA VAL E 135 14.83 10.66 -28.90
C VAL E 135 14.71 10.69 -30.42
N THR E 136 13.57 11.21 -30.88
CA THR E 136 13.11 11.04 -32.27
C THR E 136 13.60 12.12 -33.24
N ALA F 41 -6.62 19.23 23.82
CA ALA F 41 -5.61 19.47 24.89
C ALA F 41 -4.18 19.24 24.37
N PRO F 42 -3.69 17.97 24.33
CA PRO F 42 -2.25 17.75 24.48
C PRO F 42 -1.40 18.52 23.45
N ASN F 43 -0.30 19.10 23.93
CA ASN F 43 0.54 20.00 23.11
C ASN F 43 1.97 20.08 23.58
N LEU F 44 2.87 20.48 22.67
CA LEU F 44 4.30 20.56 22.96
C LEU F 44 4.88 21.87 22.45
N ALA F 45 5.51 22.62 23.35
CA ALA F 45 5.93 24.01 23.10
C ALA F 45 4.84 24.78 22.34
N GLY F 46 3.57 24.45 22.61
CA GLY F 46 2.42 25.05 21.93
C GLY F 46 1.88 24.27 20.74
N ALA F 47 2.70 23.41 20.13
CA ALA F 47 2.29 22.65 18.94
C ALA F 47 1.29 21.54 19.28
N VAL F 48 0.28 21.39 18.43
CA VAL F 48 -0.83 20.45 18.64
C VAL F 48 -0.93 19.46 17.48
N GLU F 49 -1.20 20.01 16.29
CA GLU F 49 -1.34 19.22 15.06
C GLU F 49 -0.05 18.46 14.86
N PHE F 50 -0.15 17.19 14.50
CA PHE F 50 1.06 16.39 14.39
C PHE F 50 2.12 17.13 13.57
N ASN F 51 1.68 17.86 12.53
CA ASN F 51 2.61 18.56 11.62
C ASN F 51 3.51 19.57 12.30
N ASP F 52 2.91 20.40 13.14
CA ASP F 52 3.67 21.40 13.88
C ASP F 52 4.60 20.71 14.85
N VAL F 53 4.06 19.78 15.64
CA VAL F 53 4.88 18.99 16.56
C VAL F 53 6.03 18.38 15.78
N LYS F 54 5.68 17.66 14.71
CA LYS F 54 6.66 17.04 13.83
C LYS F 54 7.81 18.00 13.54
N THR F 55 7.53 19.14 12.91
CA THR F 55 8.60 20.07 12.46
C THR F 55 9.14 21.01 13.56
N LEU F 56 8.45 21.10 14.69
CA LEU F 56 9.04 21.70 15.89
C LEU F 56 10.08 20.76 16.50
N LEU F 57 9.77 19.46 16.46
CA LEU F 57 10.73 18.45 16.92
C LEU F 57 11.97 18.46 16.02
N ARG F 58 11.75 18.71 14.72
CA ARG F 58 12.84 18.66 13.74
C ARG F 58 13.84 19.80 13.92
N GLU F 59 13.34 21.03 13.93
CA GLU F 59 14.18 22.17 14.27
C GLU F 59 15.04 21.78 15.48
N TRP F 60 14.34 21.31 16.52
CA TRP F 60 14.91 21.06 17.84
C TRP F 60 16.01 20.01 17.86
N ILE F 61 15.90 19.02 16.99
CA ILE F 61 16.86 17.91 16.98
C ILE F 61 18.04 18.20 16.04
N THR F 62 17.92 19.25 15.23
CA THR F 62 18.95 19.61 14.25
C THR F 62 19.67 20.90 14.58
N THR F 63 18.92 21.90 15.03
CA THR F 63 19.50 23.19 15.39
C THR F 63 20.27 23.07 16.72
N ILE F 64 19.56 22.96 17.85
CA ILE F 64 20.22 22.80 19.17
C ILE F 64 20.99 21.45 19.21
N SER F 65 22.32 21.54 19.29
CA SER F 65 23.21 20.36 19.25
C SER F 65 23.42 19.72 20.61
N ASP F 66 23.31 20.47 21.71
CA ASP F 66 23.22 19.83 23.04
C ASP F 66 21.98 20.30 23.85
N PRO F 67 20.94 19.43 23.91
CA PRO F 67 19.63 19.73 24.47
C PRO F 67 19.61 19.67 25.99
N MET F 68 18.86 20.59 26.57
CA MET F 68 18.80 20.70 28.02
C MET F 68 17.72 19.79 28.60
N GLU F 69 18.09 19.07 29.66
CA GLU F 69 17.18 18.19 30.41
C GLU F 69 15.73 18.67 30.41
N GLU F 70 15.56 19.92 30.80
CA GLU F 70 14.23 20.52 30.99
C GLU F 70 13.38 20.31 29.73
N ASP F 71 13.99 20.42 28.56
CA ASP F 71 13.27 20.21 27.30
C ASP F 71 12.93 18.71 27.04
N ILE F 72 13.88 17.82 27.25
CA ILE F 72 13.60 16.39 27.18
C ILE F 72 12.36 15.97 27.99
N LEU F 73 12.33 16.31 29.26
CA LEU F 73 11.21 15.98 30.13
C LEU F 73 9.88 16.51 29.60
N GLN F 74 9.88 17.72 29.07
CA GLN F 74 8.65 18.28 28.54
C GLN F 74 8.07 17.36 27.45
N VAL F 75 8.98 16.70 26.74
CA VAL F 75 8.66 15.79 25.64
C VAL F 75 8.02 14.53 26.22
N VAL F 76 8.68 14.00 27.26
CA VAL F 76 8.21 12.81 27.93
C VAL F 76 6.83 13.06 28.48
N LYS F 77 6.63 14.26 29.00
CA LYS F 77 5.35 14.63 29.53
C LYS F 77 4.29 14.70 28.43
N TYR F 78 4.58 15.43 27.35
CA TYR F 78 3.70 15.49 26.18
C TYR F 78 3.23 14.10 25.78
N CYS F 79 4.17 13.16 25.84
CA CYS F 79 3.94 11.80 25.40
C CYS F 79 3.03 11.01 26.30
N THR F 80 3.23 11.15 27.61
CA THR F 80 2.37 10.47 28.59
C THR F 80 1.03 11.16 28.63
N ASP F 81 1.00 12.44 28.24
CA ASP F 81 -0.27 13.15 28.11
C ASP F 81 -1.08 12.57 26.97
N LEU F 82 -0.38 12.14 25.93
CA LEU F 82 -1.05 11.60 24.76
C LEU F 82 -1.65 10.26 25.11
N ILE F 83 -0.90 9.47 25.88
CA ILE F 83 -1.39 8.26 26.52
C ILE F 83 -2.70 8.55 27.30
N GLU F 84 -2.67 9.49 28.25
CA GLU F 84 -3.86 9.79 29.04
C GLU F 84 -5.03 10.19 28.18
N GLU F 85 -4.78 10.94 27.10
CA GLU F 85 -5.89 11.41 26.25
C GLU F 85 -6.24 10.43 25.15
N LYS F 86 -5.71 9.23 25.25
CA LYS F 86 -6.04 8.12 24.33
C LYS F 86 -5.65 8.39 22.86
N ASP F 87 -4.58 9.12 22.59
CA ASP F 87 -4.15 9.26 21.20
C ASP F 87 -2.88 8.44 20.96
N LEU F 88 -3.02 7.12 20.93
CA LEU F 88 -1.90 6.24 20.77
C LEU F 88 -1.38 6.30 19.33
N GLU F 89 -2.22 6.76 18.43
CA GLU F 89 -1.81 6.94 17.06
C GLU F 89 -0.74 8.03 16.93
N LYS F 90 -0.98 9.17 17.56
CA LYS F 90 -0.01 10.24 17.59
C LYS F 90 1.20 9.84 18.41
N LEU F 91 0.97 9.26 19.58
CA LEU F 91 2.10 8.81 20.38
C LEU F 91 3.04 8.02 19.47
N ASP F 92 2.45 7.09 18.72
CA ASP F 92 3.21 6.18 17.88
C ASP F 92 3.98 6.95 16.80
N LEU F 93 3.33 7.93 16.19
CA LEU F 93 3.96 8.70 15.12
C LEU F 93 5.16 9.48 15.62
N VAL F 94 4.91 10.34 16.60
CA VAL F 94 5.95 11.07 17.29
C VAL F 94 7.11 10.19 17.72
N ILE F 95 6.81 9.03 18.28
CA ILE F 95 7.88 8.23 18.82
C ILE F 95 8.78 7.81 17.71
N LYS F 96 8.16 7.29 16.66
CA LYS F 96 8.86 6.72 15.52
C LYS F 96 9.71 7.76 14.82
N TYR F 97 9.16 8.96 14.71
CA TYR F 97 9.81 10.09 14.07
C TYR F 97 11.06 10.44 14.86
N MET F 98 10.85 10.81 16.12
CA MET F 98 11.94 10.98 17.07
C MET F 98 13.00 9.89 16.92
N LYS F 99 12.58 8.65 16.67
CA LYS F 99 13.53 7.57 16.52
C LYS F 99 14.37 7.74 15.25
N ARG F 100 13.73 8.09 14.15
CA ARG F 100 14.50 8.35 12.95
C ARG F 100 15.46 9.49 13.32
N LEU F 101 14.93 10.70 13.47
CA LEU F 101 15.79 11.86 13.71
C LEU F 101 16.82 11.59 14.80
N MET F 102 16.40 11.00 15.91
CA MET F 102 17.24 10.98 17.11
C MET F 102 18.38 9.98 17.03
N GLN F 103 18.38 9.10 16.04
CA GLN F 103 19.40 8.05 15.98
C GLN F 103 20.57 8.29 14.99
N GLN F 104 21.37 9.32 15.26
CA GLN F 104 22.56 9.67 14.48
C GLN F 104 23.48 10.56 15.34
N SER F 108 25.93 10.98 19.86
CA SER F 108 25.12 9.98 20.58
C SER F 108 24.42 10.52 21.86
N VAL F 109 24.50 11.84 22.07
CA VAL F 109 23.65 12.52 23.04
C VAL F 109 22.17 12.22 22.74
N TRP F 110 21.79 12.28 21.46
CA TRP F 110 20.40 12.12 21.07
C TRP F 110 19.97 10.66 21.10
N ASN F 111 20.92 9.73 20.98
CA ASN F 111 20.56 8.32 21.10
C ASN F 111 20.19 8.02 22.56
N MET F 112 20.91 8.66 23.47
CA MET F 112 20.68 8.49 24.89
C MET F 112 19.31 9.01 25.25
N ALA F 113 18.98 10.21 24.76
CA ALA F 113 17.71 10.86 25.10
C ALA F 113 16.53 10.02 24.67
N PHE F 114 16.55 9.56 23.42
CA PHE F 114 15.48 8.73 22.91
C PHE F 114 15.29 7.49 23.79
N ASP F 115 16.40 6.82 24.08
CA ASP F 115 16.33 5.63 24.93
C ASP F 115 15.71 5.95 26.29
N PHE F 116 15.75 7.22 26.69
CA PHE F 116 15.22 7.65 27.97
C PHE F 116 13.75 8.05 27.84
N ILE F 117 13.42 8.70 26.73
CA ILE F 117 12.03 8.98 26.43
C ILE F 117 11.24 7.69 26.26
N LEU F 118 11.86 6.69 25.65
CA LEU F 118 11.17 5.44 25.38
C LEU F 118 10.92 4.68 26.67
N ASP F 119 11.93 4.62 27.54
CA ASP F 119 11.81 3.96 28.83
C ASP F 119 10.54 4.40 29.52
N ASN F 120 10.48 5.71 29.71
CA ASN F 120 9.41 6.37 30.44
C ASN F 120 8.02 6.14 29.87
N VAL F 121 7.95 6.13 28.55
CA VAL F 121 6.71 5.94 27.83
C VAL F 121 6.27 4.48 27.96
N GLN F 122 7.25 3.61 28.01
CA GLN F 122 7.02 2.18 27.94
C GLN F 122 6.45 1.64 29.24
N VAL F 123 7.07 2.03 30.36
CA VAL F 123 6.49 1.74 31.69
C VAL F 123 5.08 2.31 31.85
N VAL F 124 4.81 3.51 31.33
CA VAL F 124 3.45 4.06 31.41
C VAL F 124 2.43 3.27 30.60
N LEU F 125 2.82 2.78 29.43
CA LEU F 125 1.92 2.03 28.54
C LEU F 125 1.65 0.66 29.14
N GLN F 126 2.68 0.09 29.77
CA GLN F 126 2.55 -1.20 30.43
C GLN F 126 1.45 -1.19 31.50
N GLN F 127 1.36 -0.15 32.31
CA GLN F 127 0.25 -0.05 33.24
C GLN F 127 -1.07 0.38 32.59
N THR F 128 -1.06 1.46 31.83
CA THR F 128 -2.31 1.93 31.24
C THR F 128 -3.02 0.89 30.37
N TYR F 129 -2.28 0.31 29.42
CA TYR F 129 -2.84 -0.57 28.41
C TYR F 129 -2.42 -2.02 28.58
N GLY F 130 -1.35 -2.24 29.33
CA GLY F 130 -0.93 -3.60 29.61
C GLY F 130 0.05 -4.13 28.60
N SER F 131 0.34 -3.36 27.59
CA SER F 131 1.31 -3.80 26.59
C SER F 131 2.39 -2.75 26.51
N THR F 132 3.48 -3.11 25.88
CA THR F 132 4.51 -2.17 25.50
C THR F 132 4.35 -1.82 24.03
N LEU F 133 4.76 -0.62 23.64
CA LEU F 133 4.72 -0.23 22.23
C LEU F 133 5.53 -1.18 21.37
N LYS F 134 4.94 -1.61 20.25
CA LYS F 134 5.73 -2.33 19.25
C LYS F 134 6.42 -1.30 18.40
N VAL F 135 7.74 -1.39 18.39
CA VAL F 135 8.55 -0.65 17.42
C VAL F 135 10.00 -1.04 17.69
N THR F 136 10.71 -1.38 16.62
CA THR F 136 12.12 -1.82 16.70
C THR F 136 12.81 -1.57 15.35
#